data_6YWZ
#
_entry.id   6YWZ
#
_cell.length_a   44.566
_cell.length_b   65.973
_cell.length_c   86.904
_cell.angle_alpha   90.000
_cell.angle_beta   90.000
_cell.angle_gamma   90.000
#
_symmetry.space_group_name_H-M   'P 21 21 21'
#
loop_
_entity.id
_entity.type
_entity.pdbx_description
1 polymer 'SH3 and multiple ankyrin repeat domains protein 1'
2 non-polymer DI(HYDROXYETHYL)ETHER
3 non-polymer '2-[(~{E})-(4-oxidanylidenebutanoylhydrazinylidene)methyl]benzoic acid'
4 non-polymer THREONINE
5 non-polymer ARGININE
6 non-polymer LEUCINE
7 water water
#
_entity_poly.entity_id   1
_entity_poly.type   'polypeptide(L)'
_entity_poly.pdbx_seq_one_letter_code
;GPLGSDYIIKEKTVLLQKKDSEGFGFVLRGAKAQTPIEEFTPTPAFPALQYLESVDEGGVAWRAGLRMGDFLIEVNGQNV
VKVGHRQVVNMIRQGGNTLMVKVVMVTRHPDM
;
_entity_poly.pdbx_strand_id   B,A
#
# COMPACT_ATOMS: atom_id res chain seq x y z
N GLY A 1 -16.28 4.96 -0.15
CA GLY A 1 -17.26 5.81 -0.79
C GLY A 1 -17.98 5.09 -1.91
N PRO A 2 -18.74 5.83 -2.71
CA PRO A 2 -19.45 5.18 -3.82
C PRO A 2 -18.53 4.51 -4.84
N LEU A 3 -17.28 4.97 -4.99
CA LEU A 3 -16.42 4.42 -6.02
C LEU A 3 -15.47 3.35 -5.52
N GLY A 4 -15.39 3.14 -4.22
CA GLY A 4 -14.55 2.09 -3.68
C GLY A 4 -14.28 2.31 -2.22
N SER A 5 -13.53 1.38 -1.64
CA SER A 5 -13.31 1.39 -0.21
C SER A 5 -12.38 2.54 0.18
N ASP A 6 -12.64 3.08 1.37
CA ASP A 6 -11.83 4.12 1.98
C ASP A 6 -11.16 3.55 3.23
N TYR A 7 -9.91 3.93 3.48
CA TYR A 7 -9.14 3.38 4.58
C TYR A 7 -8.41 4.47 5.37
N ILE A 8 -8.21 4.18 6.66
CA ILE A 8 -7.32 4.97 7.52
C ILE A 8 -6.06 4.15 7.73
N ILE A 9 -4.92 4.74 7.39
CA ILE A 9 -3.62 4.12 7.50
C ILE A 9 -2.85 4.85 8.58
N LYS A 10 -2.46 4.15 9.63
CA LYS A 10 -1.62 4.72 10.67
C LYS A 10 -0.29 4.00 10.67
N GLU A 11 0.77 4.73 10.34
CA GLU A 11 2.12 4.18 10.38
C GLU A 11 2.69 4.38 11.77
N LYS A 12 3.32 3.34 12.29
CA LYS A 12 3.95 3.38 13.61
C LYS A 12 5.33 2.79 13.48
N THR A 13 6.33 3.57 13.85
CA THR A 13 7.69 3.09 13.94
C THR A 13 8.08 3.13 15.40
N VAL A 14 8.57 2.02 15.93
CA VAL A 14 8.89 1.95 17.35
C VAL A 14 10.22 1.26 17.54
N LEU A 15 10.89 1.60 18.64
CA LEU A 15 12.11 0.97 19.09
C LEU A 15 11.79 0.11 20.32
N LEU A 16 11.89 -1.21 20.18
CA LEU A 16 11.66 -2.14 21.29
C LEU A 16 12.99 -2.56 21.89
N GLN A 17 13.14 -2.40 23.21
CA GLN A 17 14.31 -2.89 23.94
CA GLN A 17 14.31 -2.88 23.93
C GLN A 17 13.81 -3.77 25.08
N LYS A 18 14.04 -5.08 24.96
CA LYS A 18 13.57 -6.04 25.96
C LYS A 18 14.72 -6.55 26.81
N LYS A 19 14.35 -7.22 27.91
CA LYS A 19 15.32 -7.89 28.74
C LYS A 19 15.62 -9.27 28.16
N ASP A 20 16.70 -9.88 28.62
CA ASP A 20 17.06 -11.21 28.14
C ASP A 20 15.95 -12.21 28.41
N SER A 21 15.34 -12.12 29.60
CA SER A 21 14.43 -13.14 30.12
C SER A 21 12.97 -12.86 29.78
N GLU A 22 12.72 -12.21 28.64
CA GLU A 22 11.36 -11.95 28.19
C GLU A 22 11.38 -11.92 26.68
N GLY A 23 10.19 -12.00 26.10
CA GLY A 23 10.01 -11.81 24.68
C GLY A 23 9.61 -10.38 24.39
N PHE A 24 9.55 -10.05 23.09
CA PHE A 24 9.01 -8.75 22.69
C PHE A 24 7.52 -8.66 22.98
N GLY A 25 6.88 -9.81 23.21
CA GLY A 25 5.49 -9.81 23.62
C GLY A 25 4.53 -9.74 22.46
N PHE A 26 4.85 -10.40 21.33
CA PHE A 26 3.89 -10.52 20.24
C PHE A 26 4.09 -11.86 19.51
N VAL A 27 3.08 -12.22 18.74
CA VAL A 27 3.11 -13.40 17.87
C VAL A 27 3.00 -12.90 16.43
N LEU A 28 3.98 -13.24 15.61
CA LEU A 28 3.98 -12.92 14.21
C LEU A 28 3.33 -14.04 13.43
N ARG A 29 2.60 -13.69 12.38
CA ARG A 29 1.98 -14.68 11.52
C ARG A 29 2.00 -14.18 10.09
N GLY A 30 2.25 -15.10 9.16
CA GLY A 30 2.15 -14.77 7.75
C GLY A 30 0.70 -14.87 7.27
N ALA A 31 0.30 -13.89 6.45
CA ALA A 31 -1.05 -13.89 5.90
C ALA A 31 -1.14 -14.71 4.62
N LYS A 32 0.00 -15.12 4.08
CA LYS A 32 0.08 -15.79 2.79
C LYS A 32 1.48 -16.36 2.69
N ALA A 33 1.64 -17.37 1.85
CA ALA A 33 2.97 -17.86 1.57
C ALA A 33 3.69 -16.90 0.64
N GLN A 34 5.01 -16.87 0.78
CA GLN A 34 5.87 -16.19 -0.16
C GLN A 34 6.45 -17.25 -1.10
N THR A 35 6.16 -17.12 -2.39
CA THR A 35 6.75 -17.97 -3.40
C THR A 35 7.65 -17.15 -4.30
N PRO A 36 8.76 -17.71 -4.78
CA PRO A 36 9.57 -17.00 -5.77
C PRO A 36 8.87 -16.90 -7.13
N ILE A 37 7.75 -17.61 -7.33
CA ILE A 37 7.09 -17.64 -8.63
C ILE A 37 6.53 -16.26 -8.98
N GLU A 38 6.03 -15.54 -7.98
CA GLU A 38 5.42 -14.24 -8.22
C GLU A 38 5.57 -13.40 -6.96
N GLU A 39 5.85 -12.11 -7.15
CA GLU A 39 6.00 -11.22 -6.01
C GLU A 39 4.65 -10.89 -5.40
N PHE A 40 4.64 -10.80 -4.08
CA PHE A 40 3.47 -10.29 -3.37
C PHE A 40 3.36 -8.82 -3.69
N THR A 41 2.17 -8.37 -4.08
CA THR A 41 2.00 -6.95 -4.34
C THR A 41 1.10 -6.33 -3.27
N PRO A 42 1.61 -5.32 -2.57
CA PRO A 42 0.83 -4.70 -1.50
C PRO A 42 -0.31 -3.86 -2.04
N THR A 43 -1.37 -3.79 -1.26
CA THR A 43 -2.57 -3.01 -1.50
C THR A 43 -2.89 -2.33 -0.20
N PRO A 44 -3.74 -1.29 -0.21
CA PRO A 44 -4.14 -0.69 1.08
C PRO A 44 -4.80 -1.68 2.04
N ALA A 45 -5.64 -2.60 1.56
CA ALA A 45 -6.27 -3.57 2.44
C ALA A 45 -5.29 -4.62 2.97
N PHE A 46 -4.22 -4.89 2.23
CA PHE A 46 -3.34 -6.03 2.49
C PHE A 46 -1.91 -5.56 2.23
N PRO A 47 -1.33 -4.76 3.14
CA PRO A 47 -0.07 -4.06 2.84
C PRO A 47 1.20 -4.87 3.02
N ALA A 48 1.15 -6.06 3.63
CA ALA A 48 2.37 -6.83 3.87
C ALA A 48 2.02 -8.29 4.13
N LEU A 49 3.02 -9.17 3.99
CA LEU A 49 2.79 -10.59 4.22
C LEU A 49 2.71 -10.96 5.70
N GLN A 50 3.45 -10.28 6.58
CA GLN A 50 3.49 -10.62 8.01
C GLN A 50 2.69 -9.63 8.84
N TYR A 51 2.00 -10.14 9.86
CA TYR A 51 1.23 -9.25 10.72
C TYR A 51 1.26 -9.75 12.14
N LEU A 52 0.82 -8.88 13.07
CA LEU A 52 0.84 -9.20 14.50
C LEU A 52 -0.46 -9.92 14.82
N GLU A 53 -0.37 -11.24 14.96
CA GLU A 53 -1.58 -12.00 15.26
C GLU A 53 -2.09 -11.66 16.65
N SER A 54 -1.19 -11.39 17.59
CA SER A 54 -1.58 -10.99 18.93
C SER A 54 -0.41 -10.21 19.52
N VAL A 55 -0.73 -9.36 20.49
CA VAL A 55 0.26 -8.56 21.21
C VAL A 55 -0.05 -8.70 22.70
N ASP A 56 0.94 -9.15 23.50
CA ASP A 56 0.76 -9.32 24.94
C ASP A 56 0.47 -7.99 25.60
N GLU A 57 -0.71 -7.85 26.19
CA GLU A 57 -1.03 -6.64 26.92
C GLU A 57 0.00 -6.41 28.03
N GLY A 58 0.55 -5.20 28.11
CA GLY A 58 1.56 -4.88 29.09
C GLY A 58 2.98 -5.26 28.73
N GLY A 59 3.17 -6.02 27.64
CA GLY A 59 4.51 -6.40 27.22
C GLY A 59 5.21 -5.29 26.48
N VAL A 60 6.44 -5.60 26.05
CA VAL A 60 7.31 -4.58 25.48
C VAL A 60 6.67 -3.96 24.24
N ALA A 61 6.28 -4.80 23.28
CA ALA A 61 5.65 -4.29 22.07
C ALA A 61 4.41 -3.49 22.41
N TRP A 62 3.59 -4.00 23.33
CA TRP A 62 2.37 -3.29 23.68
C TRP A 62 2.66 -1.90 24.21
N ARG A 63 3.64 -1.79 25.12
CA ARG A 63 3.91 -0.48 25.73
C ARG A 63 4.44 0.51 24.69
N ALA A 64 5.11 0.03 23.64
CA ALA A 64 5.60 0.94 22.62
C ALA A 64 4.53 1.33 21.61
N GLY A 65 3.39 0.65 21.61
CA GLY A 65 2.28 1.03 20.75
C GLY A 65 1.90 0.04 19.68
N LEU A 66 2.49 -1.15 19.65
CA LEU A 66 2.10 -2.13 18.66
C LEU A 66 0.84 -2.84 19.11
N ARG A 67 0.00 -3.18 18.13
CA ARG A 67 -1.30 -3.75 18.42
C ARG A 67 -1.56 -4.92 17.51
N MET A 68 -2.37 -5.85 17.98
CA MET A 68 -2.86 -6.97 17.18
C MET A 68 -3.43 -6.46 15.86
N GLY A 69 -3.09 -7.16 14.77
CA GLY A 69 -3.52 -6.77 13.46
C GLY A 69 -2.62 -5.79 12.71
N ASP A 70 -1.57 -5.27 13.36
CA ASP A 70 -0.59 -4.43 12.67
C ASP A 70 0.18 -5.24 11.64
N PHE A 71 0.44 -4.65 10.48
CA PHE A 71 1.21 -5.26 9.41
C PHE A 71 2.67 -4.79 9.47
N LEU A 72 3.62 -5.71 9.34
CA LEU A 72 5.04 -5.37 9.41
C LEU A 72 5.55 -4.84 8.08
N ILE A 73 6.09 -3.63 8.08
CA ILE A 73 6.66 -3.04 6.88
C ILE A 73 8.18 -3.13 6.87
N GLU A 74 8.84 -2.84 8.00
CA GLU A 74 10.30 -2.80 8.06
C GLU A 74 10.78 -3.36 9.38
N VAL A 75 11.93 -4.04 9.32
CA VAL A 75 12.60 -4.58 10.50
C VAL A 75 14.05 -4.12 10.44
N ASN A 76 14.47 -3.30 11.39
CA ASN A 76 15.86 -2.89 11.52
C ASN A 76 16.39 -2.34 10.20
N GLY A 77 15.60 -1.46 9.57
CA GLY A 77 16.01 -0.77 8.36
C GLY A 77 15.77 -1.52 7.07
N GLN A 78 15.27 -2.76 7.14
CA GLN A 78 15.06 -3.61 5.97
C GLN A 78 13.57 -3.77 5.70
N ASN A 79 13.20 -3.64 4.43
CA ASN A 79 11.81 -3.81 4.05
C ASN A 79 11.41 -5.29 4.13
N VAL A 80 10.28 -5.58 4.76
CA VAL A 80 9.82 -6.97 4.89
C VAL A 80 8.44 -7.17 4.28
N VAL A 81 7.94 -6.20 3.52
CA VAL A 81 6.59 -6.25 2.99
C VAL A 81 6.37 -7.53 2.19
N LYS A 82 7.37 -7.94 1.41
CA LYS A 82 7.25 -9.05 0.49
C LYS A 82 7.98 -10.30 0.96
N VAL A 83 8.41 -10.35 2.22
CA VAL A 83 9.31 -11.39 2.69
C VAL A 83 8.55 -12.45 3.47
N GLY A 84 8.94 -13.71 3.26
CA GLY A 84 8.29 -14.83 3.92
C GLY A 84 8.56 -14.88 5.42
N HIS A 85 7.83 -15.79 6.09
CA HIS A 85 7.71 -15.74 7.55
C HIS A 85 9.02 -16.09 8.25
N ARG A 86 9.63 -17.23 7.89
CA ARG A 86 10.86 -17.66 8.56
C ARG A 86 11.98 -16.64 8.40
N GLN A 87 12.10 -16.07 7.20
CA GLN A 87 13.11 -15.06 6.97
C GLN A 87 12.88 -13.85 7.87
N VAL A 88 11.63 -13.41 8.00
CA VAL A 88 11.33 -12.28 8.88
C VAL A 88 11.63 -12.63 10.32
N VAL A 89 11.27 -13.86 10.75
CA VAL A 89 11.60 -14.29 12.10
C VAL A 89 13.11 -14.24 12.33
N ASN A 90 13.90 -14.69 11.35
CA ASN A 90 15.36 -14.62 11.49
C ASN A 90 15.83 -13.17 11.63
N MET A 91 15.35 -12.28 10.75
CA MET A 91 15.73 -10.88 10.82
C MET A 91 15.45 -10.28 12.19
N ILE A 92 14.29 -10.61 12.77
CA ILE A 92 13.99 -10.10 14.10
C ILE A 92 14.94 -10.67 15.15
N ARG A 93 15.26 -11.97 15.04
CA ARG A 93 16.15 -12.60 16.01
C ARG A 93 17.58 -12.08 15.90
N GLN A 94 17.95 -11.61 14.70
CA GLN A 94 19.30 -11.11 14.47
C GLN A 94 19.64 -9.96 15.40
N GLY A 95 18.62 -9.18 15.84
CA GLY A 95 18.80 -8.03 16.69
C GLY A 95 18.93 -8.29 18.19
N GLY A 96 18.71 -9.52 18.66
CA GLY A 96 18.86 -9.78 20.08
C GLY A 96 17.78 -9.09 20.89
N ASN A 97 18.17 -8.21 21.80
CA ASN A 97 17.20 -7.57 22.69
C ASN A 97 16.65 -6.27 22.15
N THR A 98 17.13 -5.82 20.98
CA THR A 98 16.70 -4.59 20.34
C THR A 98 16.01 -4.90 19.01
N LEU A 99 14.84 -4.31 18.79
CA LEU A 99 14.09 -4.44 17.54
C LEU A 99 13.52 -3.08 17.15
N MET A 100 13.92 -2.58 15.98
CA MET A 100 13.30 -1.40 15.37
C MET A 100 12.38 -1.89 14.29
N VAL A 101 11.12 -1.47 14.33
CA VAL A 101 10.12 -2.01 13.45
C VAL A 101 9.18 -0.90 13.05
N LYS A 102 8.82 -0.86 11.77
CA LYS A 102 7.74 -0.02 11.28
C LYS A 102 6.56 -0.91 10.91
N VAL A 103 5.38 -0.54 11.37
CA VAL A 103 4.16 -1.27 11.06
C VAL A 103 3.15 -0.28 10.51
N VAL A 104 2.05 -0.80 9.97
CA VAL A 104 0.91 0.00 9.58
C VAL A 104 -0.34 -0.65 10.16
N MET A 105 -1.25 0.18 10.63
CA MET A 105 -2.56 -0.24 11.07
C MET A 105 -3.57 0.26 10.05
N VAL A 106 -4.39 -0.65 9.52
CA VAL A 106 -5.35 -0.33 8.47
C VAL A 106 -6.77 -0.54 8.98
N THR A 107 -7.61 0.49 8.85
CA THR A 107 -9.03 0.40 9.17
C THR A 107 -9.85 0.95 8.02
N ARG A 108 -11.01 0.34 7.76
CA ARG A 108 -11.91 0.79 6.70
C ARG A 108 -12.96 1.75 7.27
N HIS A 109 -12.82 3.05 6.96
CA HIS A 109 -13.79 4.07 7.40
C HIS A 109 -15.21 3.76 6.97
N GLY B 1 0.17 10.15 13.73
CA GLY B 1 0.38 10.25 15.16
C GLY B 1 1.83 10.46 15.56
N PRO B 2 2.11 10.35 16.86
CA PRO B 2 3.50 10.51 17.33
C PRO B 2 4.45 9.44 16.82
N LEU B 3 3.94 8.27 16.40
CA LEU B 3 4.82 7.19 15.97
C LEU B 3 5.01 7.14 14.47
N GLY B 4 4.30 7.97 13.70
CA GLY B 4 4.53 8.00 12.28
C GLY B 4 3.38 8.70 11.57
N SER B 5 3.51 8.77 10.25
CA SER B 5 2.55 9.49 9.42
C SER B 5 1.21 8.75 9.36
N ASP B 6 0.13 9.51 9.30
CA ASP B 6 -1.21 8.97 9.12
C ASP B 6 -1.74 9.44 7.77
N TYR B 7 -2.49 8.55 7.09
CA TYR B 7 -2.99 8.81 5.76
C TYR B 7 -4.47 8.47 5.68
N ILE B 8 -5.15 9.11 4.74
CA ILE B 8 -6.47 8.67 4.26
C ILE B 8 -6.29 8.14 2.85
N ILE B 9 -6.74 6.91 2.62
CA ILE B 9 -6.70 6.26 1.30
C ILE B 9 -8.14 6.13 0.80
N LYS B 10 -8.43 6.74 -0.33
CA LYS B 10 -9.74 6.61 -0.97
C LYS B 10 -9.53 5.88 -2.30
N GLU B 11 -10.13 4.69 -2.42
CA GLU B 11 -10.09 3.92 -3.66
C GLU B 11 -11.26 4.31 -4.54
N LYS B 12 -10.98 4.52 -5.82
CA LYS B 12 -11.99 4.90 -6.79
C LYS B 12 -11.80 4.03 -8.02
N THR B 13 -12.85 3.29 -8.38
CA THR B 13 -12.87 2.52 -9.62
C THR B 13 -13.93 3.11 -10.52
N VAL B 14 -13.54 3.48 -11.76
CA VAL B 14 -14.48 4.13 -12.65
C VAL B 14 -14.42 3.52 -14.04
N LEU B 15 -15.53 3.65 -14.76
CA LEU B 15 -15.67 3.25 -16.15
C LEU B 15 -15.75 4.52 -17.01
N LEU B 16 -14.75 4.72 -17.86
CA LEU B 16 -14.71 5.86 -18.80
C LEU B 16 -15.16 5.39 -20.18
N GLN B 17 -16.18 6.04 -20.72
CA GLN B 17 -16.62 5.80 -22.09
CA GLN B 17 -16.62 5.80 -22.09
C GLN B 17 -16.59 7.14 -22.82
N LYS B 18 -15.64 7.29 -23.74
CA LYS B 18 -15.47 8.51 -24.50
C LYS B 18 -15.92 8.32 -25.94
N LYS B 19 -16.02 9.45 -26.66
CA LYS B 19 -16.28 9.48 -28.09
C LYS B 19 -14.97 9.35 -28.85
N ASP B 20 -15.07 9.04 -30.15
CA ASP B 20 -13.86 8.91 -30.97
C ASP B 20 -13.08 10.21 -31.00
N SER B 21 -13.79 11.35 -31.10
CA SER B 21 -13.16 12.64 -31.37
C SER B 21 -12.80 13.39 -30.10
N GLU B 22 -12.47 12.68 -29.02
CA GLU B 22 -12.08 13.30 -27.77
C GLU B 22 -11.11 12.36 -27.05
N GLY B 23 -10.42 12.91 -26.06
CA GLY B 23 -9.60 12.11 -25.16
C GLY B 23 -10.34 11.77 -23.88
N PHE B 24 -9.71 10.91 -23.06
CA PHE B 24 -10.26 10.64 -21.73
C PHE B 24 -10.17 11.87 -20.83
N GLY B 25 -9.32 12.83 -21.17
CA GLY B 25 -9.25 14.07 -20.43
C GLY B 25 -8.32 14.07 -19.25
N PHE B 26 -7.18 13.38 -19.36
CA PHE B 26 -6.18 13.44 -18.29
C PHE B 26 -4.80 13.30 -18.89
N VAL B 27 -3.81 13.66 -18.08
CA VAL B 27 -2.40 13.49 -18.42
C VAL B 27 -1.80 12.51 -17.43
N LEU B 28 -1.26 11.42 -17.95
CA LEU B 28 -0.61 10.39 -17.16
C LEU B 28 0.86 10.72 -17.02
N ARG B 29 1.44 10.43 -15.86
CA ARG B 29 2.85 10.70 -15.63
C ARG B 29 3.44 9.64 -14.71
N GLY B 30 4.68 9.23 -15.01
CA GLY B 30 5.42 8.34 -14.12
C GLY B 30 6.13 9.11 -13.02
N ALA B 31 6.05 8.59 -11.80
CA ALA B 31 6.71 9.21 -10.66
C ALA B 31 8.13 8.67 -10.54
N LYS B 32 8.76 8.86 -9.39
CA LYS B 32 10.13 8.42 -9.11
C LYS B 32 10.37 6.96 -9.47
N GLU B 39 12.59 -2.82 -8.59
CA GLU B 39 12.88 -2.76 -7.17
C GLU B 39 11.91 -1.85 -6.42
N PHE B 40 10.99 -1.21 -7.15
CA PHE B 40 9.95 -0.40 -6.53
C PHE B 40 8.89 -1.24 -5.84
N THR B 41 8.65 -0.94 -4.56
CA THR B 41 7.59 -1.54 -3.77
C THR B 41 6.62 -0.46 -3.33
N PRO B 42 5.31 -0.63 -3.53
CA PRO B 42 4.36 0.42 -3.18
C PRO B 42 4.27 0.65 -1.69
N THR B 43 3.97 1.90 -1.31
CA THR B 43 3.78 2.34 0.04
C THR B 43 2.55 3.22 0.09
N PRO B 44 1.97 3.43 1.28
CA PRO B 44 0.82 4.36 1.36
C PRO B 44 1.16 5.75 0.83
N ALA B 45 2.36 6.25 1.10
CA ALA B 45 2.73 7.55 0.58
C ALA B 45 2.95 7.53 -0.93
N PHE B 46 3.28 6.37 -1.48
CA PHE B 46 3.74 6.26 -2.87
C PHE B 46 3.22 4.94 -3.45
N PRO B 47 1.91 4.87 -3.73
CA PRO B 47 1.31 3.54 -4.01
C PRO B 47 1.48 3.02 -5.43
N ALA B 48 1.95 3.81 -6.39
CA ALA B 48 2.06 3.32 -7.75
C ALA B 48 3.04 4.20 -8.52
N LEU B 49 3.52 3.68 -9.66
CA LEU B 49 4.49 4.43 -10.46
C LEU B 49 3.86 5.53 -11.32
N GLN B 50 2.63 5.34 -11.80
CA GLN B 50 1.95 6.29 -12.68
C GLN B 50 0.86 7.05 -11.93
N TYR B 51 0.71 8.34 -12.24
CA TYR B 51 -0.35 9.11 -11.58
C TYR B 51 -0.91 10.15 -12.53
N LEU B 52 -2.04 10.71 -12.14
CA LEU B 52 -2.75 11.68 -12.96
C LEU B 52 -2.17 13.05 -12.66
N GLU B 53 -1.33 13.53 -13.57
CA GLU B 53 -0.72 14.85 -13.38
C GLU B 53 -1.76 15.95 -13.44
N SER B 54 -2.75 15.79 -14.30
CA SER B 54 -3.84 16.75 -14.41
C SER B 54 -5.03 16.02 -15.01
N VAL B 55 -6.21 16.57 -14.75
CA VAL B 55 -7.48 16.06 -15.26
C VAL B 55 -8.27 17.24 -15.82
N ASP B 56 -8.69 17.14 -17.10
CA ASP B 56 -9.47 18.21 -17.72
C ASP B 56 -10.80 18.40 -17.00
N GLU B 57 -10.99 19.57 -16.42
CA GLU B 57 -12.25 19.86 -15.79
C GLU B 57 -13.37 19.74 -16.81
N GLY B 58 -14.39 18.95 -16.46
CA GLY B 58 -15.52 18.71 -17.35
C GLY B 58 -15.32 17.59 -18.35
N GLY B 59 -14.12 17.05 -18.49
CA GLY B 59 -13.89 15.97 -19.43
C GLY B 59 -14.39 14.63 -18.90
N VAL B 60 -14.13 13.60 -19.71
CA VAL B 60 -14.67 12.28 -19.42
C VAL B 60 -14.16 11.78 -18.06
N ALA B 61 -12.85 11.79 -17.88
CA ALA B 61 -12.27 11.32 -16.63
C ALA B 61 -12.82 12.10 -15.44
N TRP B 62 -12.91 13.43 -15.59
CA TRP B 62 -13.39 14.28 -14.50
C TRP B 62 -14.82 13.94 -14.11
N ARG B 63 -15.70 13.78 -15.11
CA ARG B 63 -17.11 13.53 -14.80
C ARG B 63 -17.28 12.19 -14.10
N ALA B 64 -16.40 11.23 -14.35
CA ALA B 64 -16.51 9.95 -13.66
C ALA B 64 -15.89 9.96 -12.27
N GLY B 65 -15.15 11.00 -11.90
CA GLY B 65 -14.61 11.09 -10.55
C GLY B 65 -13.09 11.05 -10.40
N LEU B 66 -12.34 11.05 -11.50
CA LEU B 66 -10.88 11.06 -11.40
C LEU B 66 -10.40 12.47 -11.15
N ARG B 67 -9.31 12.59 -10.39
CA ARG B 67 -8.82 13.90 -10.03
C ARG B 67 -7.31 13.90 -10.15
N MET B 68 -6.76 15.10 -10.35
CA MET B 68 -5.32 15.31 -10.33
C MET B 68 -4.71 14.72 -9.06
N GLY B 69 -3.56 14.05 -9.23
CA GLY B 69 -2.87 13.39 -8.13
C GLY B 69 -3.31 11.98 -7.80
N ASP B 70 -4.34 11.43 -8.46
CA ASP B 70 -4.72 10.04 -8.24
C ASP B 70 -3.65 9.11 -8.80
N PHE B 71 -3.40 8.01 -8.10
CA PHE B 71 -2.41 7.00 -8.51
C PHE B 71 -3.11 5.83 -9.20
N LEU B 72 -2.59 5.38 -10.34
CA LEU B 72 -3.20 4.26 -11.05
C LEU B 72 -2.81 2.91 -10.44
N ILE B 73 -3.82 2.13 -10.09
CA ILE B 73 -3.61 0.79 -9.56
C ILE B 73 -3.89 -0.28 -10.61
N GLU B 74 -4.99 -0.13 -11.36
CA GLU B 74 -5.41 -1.15 -12.31
C GLU B 74 -5.94 -0.48 -13.57
N VAL B 75 -5.71 -1.14 -14.71
CA VAL B 75 -6.23 -0.75 -16.01
C VAL B 75 -6.88 -1.98 -16.64
N ASN B 76 -8.20 -1.96 -16.80
CA ASN B 76 -8.93 -3.02 -17.50
C ASN B 76 -8.59 -4.39 -16.89
N GLY B 77 -8.63 -4.44 -15.56
CA GLY B 77 -8.43 -5.70 -14.86
C GLY B 77 -6.97 -6.07 -14.62
N GLN B 78 -6.01 -5.31 -15.12
CA GLN B 78 -4.61 -5.64 -14.92
C GLN B 78 -3.97 -4.66 -13.96
N ASN B 79 -3.23 -5.20 -13.00
CA ASN B 79 -2.53 -4.36 -12.06
C ASN B 79 -1.37 -3.68 -12.77
N VAL B 80 -1.25 -2.37 -12.57
CA VAL B 80 -0.21 -1.58 -13.20
C VAL B 80 0.62 -0.85 -12.16
N VAL B 81 0.51 -1.24 -10.89
CA VAL B 81 1.20 -0.54 -9.82
C VAL B 81 2.71 -0.48 -10.09
N LYS B 82 3.28 -1.56 -10.60
CA LYS B 82 4.72 -1.67 -10.77
C LYS B 82 5.14 -1.55 -12.24
N VAL B 83 4.25 -1.06 -13.11
CA VAL B 83 4.47 -1.09 -14.55
C VAL B 83 4.94 0.29 -15.03
N GLY B 84 5.88 0.28 -15.98
CA GLY B 84 6.44 1.51 -16.53
C GLY B 84 5.46 2.28 -17.41
N HIS B 85 5.87 3.51 -17.73
CA HIS B 85 4.93 4.49 -18.29
C HIS B 85 4.43 4.10 -19.67
N ARG B 86 5.35 3.77 -20.59
CA ARG B 86 4.96 3.42 -21.95
C ARG B 86 4.01 2.22 -21.99
N GLN B 87 4.32 1.18 -21.19
CA GLN B 87 3.45 0.00 -21.15
C GLN B 87 2.05 0.36 -20.64
N VAL B 88 1.97 1.19 -19.61
CA VAL B 88 0.66 1.59 -19.10
C VAL B 88 -0.12 2.36 -20.16
N VAL B 89 0.56 3.25 -20.89
CA VAL B 89 -0.09 4.00 -21.97
C VAL B 89 -0.61 3.04 -23.03
N ASN B 90 0.21 2.05 -23.43
CA ASN B 90 -0.23 1.07 -24.41
C ASN B 90 -1.47 0.32 -23.91
N MET B 91 -1.49 -0.08 -22.64
CA MET B 91 -2.63 -0.82 -22.09
C MET B 91 -3.90 0.02 -22.09
N ILE B 92 -3.79 1.32 -21.79
CA ILE B 92 -4.98 2.17 -21.85
C ILE B 92 -5.48 2.28 -23.29
N ARG B 93 -4.55 2.38 -24.24
CA ARG B 93 -4.93 2.55 -25.64
C ARG B 93 -5.52 1.28 -26.24
N GLN B 94 -5.18 0.11 -25.70
CA GLN B 94 -5.75 -1.14 -26.23
C GLN B 94 -7.26 -1.15 -26.09
N GLY B 95 -7.81 -0.42 -25.12
CA GLY B 95 -9.23 -0.42 -24.88
C GLY B 95 -10.04 0.47 -25.79
N GLY B 96 -9.39 1.28 -26.64
CA GLY B 96 -10.13 2.13 -27.55
C GLY B 96 -10.90 3.21 -26.83
N ASN B 97 -12.22 3.24 -26.98
CA ASN B 97 -13.03 4.28 -26.34
C ASN B 97 -13.50 3.92 -24.94
N THR B 98 -13.12 2.75 -24.44
CA THR B 98 -13.49 2.28 -23.11
C THR B 98 -12.26 2.13 -22.23
N LEU B 99 -12.33 2.66 -21.02
CA LEU B 99 -11.25 2.48 -20.06
C LEU B 99 -11.86 2.24 -18.69
N MET B 100 -11.60 1.08 -18.11
CA MET B 100 -11.92 0.83 -16.70
C MET B 100 -10.63 0.95 -15.91
N VAL B 101 -10.66 1.76 -14.86
CA VAL B 101 -9.45 2.07 -14.15
C VAL B 101 -9.74 2.14 -12.66
N LYS B 102 -8.85 1.60 -11.85
CA LYS B 102 -8.87 1.79 -10.42
C LYS B 102 -7.72 2.70 -10.02
N VAL B 103 -8.02 3.73 -9.24
CA VAL B 103 -7.03 4.66 -8.73
C VAL B 103 -7.17 4.73 -7.22
N VAL B 104 -6.17 5.32 -6.58
CA VAL B 104 -6.24 5.62 -5.15
C VAL B 104 -5.83 7.06 -4.95
N MET B 105 -6.49 7.69 -4.01
CA MET B 105 -6.27 9.10 -3.67
C MET B 105 -5.76 9.13 -2.23
N VAL B 106 -4.59 9.74 -2.01
CA VAL B 106 -3.92 9.70 -0.71
C VAL B 106 -3.82 11.13 -0.18
N THR B 107 -4.16 11.32 1.10
CA THR B 107 -3.98 12.60 1.77
C THR B 107 -2.97 12.42 2.90
N ARG B 108 -1.93 13.26 2.91
CA ARG B 108 -0.91 13.22 3.95
C ARG B 108 -1.12 14.34 4.96
#